data_6HOX
#
_entry.id   6HOX
#
_cell.length_a   118.146
_cell.length_b   38.686
_cell.length_c   108.514
_cell.angle_alpha   90.00
_cell.angle_beta   116.74
_cell.angle_gamma   90.00
#
_symmetry.space_group_name_H-M   'C 1 2 1'
#
loop_
_entity.id
_entity.type
_entity.pdbx_description
1 polymer 'Binding domain (Hc) of Paraclostridial Mosquitocidal Protein 1'
2 non-polymer DI(HYDROXYETHYL)ETHER
3 non-polymer 'ACETATE ION'
4 water water
#
_entity_poly.entity_id   1
_entity_poly.type   'polypeptide(L)'
_entity_poly.pdbx_seq_one_letter_code
;HHHHHHSQDPNALIDRLGIQLKDNLVFSLGVESDKIKDLSGNNTNLEVKTGVQIVDGRDSKTIRLNSNENSSIIVQKNES
INFSYFSDFTISFWIRVPRLNKNDFIDLGIEYDLVNNMDNQGWKISLKDGNLVWRMKDRFGKIIDIITSLTFSNSFIDKY
ISSNIWRHITITVNQLKDCTLYINGDKIDSKSINELRGIDNNSPIIFKLEGNRNKNQFIRLDQFNIYQRALNESEVEMLF
NSYFNSNILRDFWGEPLEYNKSYYMINQAILGGPLRSTYKSWYGEYYPYISRMRTFNVSSFILIPYLYHKGSDVEKVKII
NKNNVDKYVRKNDVADVKFENYGNLILTLPMYSKIKERYMVLNEGRNGDLKLIQLQSNDKYYCQIRIFEMYRNGLLSIAD
DENWLYSSGWYLYSSGWYLDNYKTLDLKKHTKTNWYFVSEDEGWKE
;
_entity_poly.pdbx_strand_id   A
#
# COMPACT_ATOMS: atom_id res chain seq x y z
N GLN A 20 2.71 -21.46 -11.18
CA GLN A 20 3.80 -22.47 -11.07
C GLN A 20 5.17 -21.81 -10.84
N LEU A 21 5.19 -20.55 -10.38
CA LEU A 21 6.40 -19.88 -9.89
C LEU A 21 6.90 -20.61 -8.63
N LYS A 22 5.97 -21.30 -7.95
CA LYS A 22 6.21 -22.15 -6.78
C LYS A 22 7.27 -23.23 -7.07
N ASP A 23 7.40 -23.65 -8.34
CA ASP A 23 8.38 -24.68 -8.71
C ASP A 23 9.80 -24.25 -8.34
N ASN A 24 10.07 -22.94 -8.41
CA ASN A 24 11.41 -22.41 -8.23
C ASN A 24 11.56 -21.72 -6.87
N LEU A 25 10.54 -21.77 -6.03
CA LEU A 25 10.56 -21.11 -4.72
C LEU A 25 11.40 -21.94 -3.74
N VAL A 26 12.46 -21.36 -3.19
CA VAL A 26 13.33 -22.12 -2.29
C VAL A 26 13.21 -21.61 -0.85
N PHE A 27 12.58 -20.45 -0.67
CA PHE A 27 12.45 -19.83 0.64
C PHE A 27 11.29 -18.83 0.61
N SER A 28 10.46 -18.84 1.65
CA SER A 28 9.36 -17.87 1.75
C SER A 28 9.09 -17.56 3.22
N LEU A 29 9.42 -16.33 3.63
CA LEU A 29 9.34 -15.94 5.01
C LEU A 29 7.98 -15.28 5.25
N GLY A 30 7.24 -15.83 6.22
CA GLY A 30 5.93 -15.29 6.56
C GLY A 30 5.46 -15.83 7.90
N VAL A 31 4.17 -15.61 8.17
CA VAL A 31 3.55 -16.02 9.41
C VAL A 31 2.54 -17.09 9.07
N GLU A 32 2.52 -18.16 9.86
CA GLU A 32 1.44 -19.13 9.76
C GLU A 32 1.12 -19.65 11.16
N SER A 33 -0.17 -19.65 11.52
CA SER A 33 -0.60 -20.14 12.83
C SER A 33 0.25 -19.52 13.93
N ASP A 34 0.30 -18.18 13.97
CA ASP A 34 0.91 -17.42 15.06
C ASP A 34 2.44 -17.56 15.12
N LYS A 35 3.06 -18.16 14.10
CA LYS A 35 4.52 -18.37 14.11
C LYS A 35 5.12 -17.93 12.77
N ILE A 36 6.33 -17.40 12.84
CA ILE A 36 7.16 -17.06 11.71
C ILE A 36 7.86 -18.35 11.25
N LYS A 37 7.69 -18.67 9.96
CA LYS A 37 8.20 -19.90 9.36
C LYS A 37 8.68 -19.63 7.93
N ASP A 38 9.43 -20.59 7.39
CA ASP A 38 9.62 -20.72 5.96
C ASP A 38 8.38 -21.44 5.42
N LEU A 39 7.64 -20.74 4.57
CA LEU A 39 6.36 -21.22 4.07
C LEU A 39 6.55 -22.04 2.79
N SER A 40 7.77 -22.11 2.27
CA SER A 40 8.05 -22.75 0.98
C SER A 40 7.95 -24.28 1.06
N GLY A 41 7.92 -24.84 2.27
CA GLY A 41 7.93 -26.27 2.45
C GLY A 41 9.32 -26.83 2.67
N ASN A 42 10.35 -25.98 2.50
CA ASN A 42 11.75 -26.43 2.54
C ASN A 42 12.23 -26.53 3.98
N ASN A 43 11.45 -26.02 4.93
CA ASN A 43 11.69 -26.20 6.33
C ASN A 43 13.03 -25.54 6.70
N THR A 44 13.33 -24.40 6.08
CA THR A 44 14.61 -23.70 6.32
C THR A 44 14.70 -23.30 7.78
N ASN A 45 15.89 -23.44 8.37
CA ASN A 45 16.07 -23.15 9.78
C ASN A 45 16.21 -21.63 10.00
N LEU A 46 15.32 -21.07 10.83
CA LEU A 46 15.28 -19.66 11.19
C LEU A 46 15.56 -19.52 12.68
N GLU A 47 16.20 -18.42 13.05
CA GLU A 47 16.25 -17.99 14.42
C GLU A 47 15.54 -16.63 14.50
N VAL A 48 14.35 -16.64 15.10
CA VAL A 48 13.56 -15.46 15.30
C VAL A 48 13.76 -15.00 16.74
N LYS A 49 14.36 -13.81 16.91
CA LYS A 49 14.65 -13.32 18.25
C LYS A 49 13.38 -12.70 18.86
N THR A 50 13.39 -12.51 20.18
CA THR A 50 12.16 -12.20 20.94
C THR A 50 11.71 -10.76 20.69
N GLY A 51 12.58 -9.94 20.09
CA GLY A 51 12.20 -8.56 19.74
C GLY A 51 11.35 -8.47 18.47
N VAL A 52 11.25 -9.56 17.70
CA VAL A 52 10.42 -9.59 16.49
C VAL A 52 8.96 -9.68 16.92
N GLN A 53 8.07 -8.97 16.20
CA GLN A 53 6.65 -9.03 16.49
C GLN A 53 5.86 -9.55 15.27
N ILE A 54 4.66 -10.03 15.58
CA ILE A 54 3.67 -10.43 14.63
C ILE A 54 2.50 -9.45 14.80
N VAL A 55 2.15 -8.75 13.72
CA VAL A 55 1.12 -7.73 13.75
C VAL A 55 0.17 -7.99 12.61
N ASP A 56 -0.93 -7.23 12.57
CA ASP A 56 -1.88 -7.28 11.50
C ASP A 56 -1.19 -6.79 10.22
N GLY A 57 -1.50 -7.46 9.10
CA GLY A 57 -0.84 -7.21 7.82
C GLY A 57 -1.81 -7.08 6.66
N ARG A 58 -1.30 -7.24 5.45
CA ARG A 58 -2.08 -6.99 4.22
C ARG A 58 -2.86 -8.27 3.85
N ASP A 59 -2.49 -9.38 4.49
CA ASP A 59 -3.12 -10.66 4.25
C ASP A 59 -2.95 -11.53 5.50
N SER A 60 -3.82 -11.30 6.49
CA SER A 60 -3.55 -11.80 7.82
C SER A 60 -2.19 -11.21 8.31
N LYS A 61 -1.44 -11.96 9.13
CA LYS A 61 -0.43 -11.37 9.98
C LYS A 61 0.88 -11.13 9.20
N THR A 62 1.67 -10.20 9.71
CA THR A 62 2.95 -9.87 9.11
C THR A 62 4.00 -9.71 10.22
N ILE A 63 5.26 -9.89 9.81
CA ILE A 63 6.39 -9.61 10.65
C ILE A 63 6.55 -8.10 10.77
N ARG A 64 6.91 -7.67 11.99
CA ARG A 64 7.31 -6.31 12.27
C ARG A 64 8.70 -6.33 12.93
N LEU A 65 9.64 -5.58 12.34
CA LEU A 65 10.98 -5.37 12.85
C LEU A 65 11.09 -3.95 13.42
N ASN A 66 11.55 -3.84 14.66
CA ASN A 66 11.72 -2.60 15.41
C ASN A 66 13.22 -2.29 15.48
N SER A 67 13.54 -1.10 15.99
CA SER A 67 14.93 -0.61 16.04
C SER A 67 15.59 -0.99 17.38
N ASN A 68 15.56 -2.29 17.72
CA ASN A 68 16.31 -2.79 18.89
C ASN A 68 16.99 -4.10 18.52
N GLU A 69 17.98 -4.46 19.35
CA GLU A 69 18.94 -5.54 19.06
C GLU A 69 18.27 -6.90 19.08
N ASN A 70 17.15 -7.03 19.79
CA ASN A 70 16.46 -8.29 19.87
C ASN A 70 15.49 -8.50 18.70
N SER A 71 15.37 -7.51 17.83
CA SER A 71 14.41 -7.55 16.74
C SER A 71 15.14 -7.94 15.44
N SER A 72 15.44 -9.23 15.29
CA SER A 72 16.13 -9.73 14.13
C SER A 72 15.74 -11.18 13.88
N ILE A 73 15.88 -11.60 12.60
CA ILE A 73 15.75 -12.94 12.14
C ILE A 73 17.04 -13.31 11.37
N ILE A 74 17.63 -14.45 11.75
CA ILE A 74 18.84 -14.97 11.18
C ILE A 74 18.51 -16.29 10.48
N VAL A 75 18.91 -16.37 9.21
CA VAL A 75 18.67 -17.52 8.40
C VAL A 75 20.02 -18.02 7.91
N GLN A 76 20.41 -19.21 8.38
CA GLN A 76 21.57 -19.92 7.86
C GLN A 76 21.24 -20.34 6.43
N LYS A 77 22.17 -20.10 5.50
CA LYS A 77 21.95 -20.50 4.12
C LYS A 77 22.23 -22.00 4.03
N ASN A 78 21.70 -22.61 2.97
CA ASN A 78 21.92 -24.02 2.61
C ASN A 78 22.13 -24.07 1.08
N GLU A 79 22.06 -25.26 0.50
CA GLU A 79 22.40 -25.45 -0.91
C GLU A 79 21.34 -24.80 -1.81
N SER A 80 20.07 -24.91 -1.40
CA SER A 80 18.96 -24.35 -2.15
C SER A 80 18.99 -22.82 -2.09
N ILE A 81 19.26 -22.26 -0.91
CA ILE A 81 19.45 -20.79 -0.76
C ILE A 81 20.90 -20.45 -1.10
N ASN A 82 21.17 -20.29 -2.40
CA ASN A 82 22.54 -20.19 -2.88
C ASN A 82 22.68 -19.05 -3.89
N PHE A 83 23.71 -18.21 -3.66
CA PHE A 83 24.00 -17.04 -4.48
C PHE A 83 25.35 -17.20 -5.18
N SER A 84 25.70 -18.46 -5.54
CA SER A 84 26.95 -18.79 -6.26
C SER A 84 26.90 -18.17 -7.66
N TYR A 85 28.08 -18.02 -8.29
CA TYR A 85 28.21 -17.30 -9.56
C TYR A 85 27.35 -17.94 -10.65
N PHE A 86 27.15 -19.26 -10.60
CA PHE A 86 26.41 -20.00 -11.64
C PHE A 86 24.96 -20.25 -11.19
N SER A 87 24.33 -19.24 -10.56
CA SER A 87 22.93 -19.37 -10.16
C SER A 87 22.22 -18.02 -10.28
N ASP A 88 21.28 -17.95 -11.24
CA ASP A 88 20.29 -16.87 -11.32
C ASP A 88 19.39 -16.92 -10.08
N PHE A 89 18.85 -15.77 -9.66
CA PHE A 89 17.87 -15.82 -8.57
C PHE A 89 16.95 -14.59 -8.62
N THR A 90 15.83 -14.71 -7.89
CA THR A 90 14.90 -13.65 -7.66
C THR A 90 14.61 -13.54 -6.16
N ILE A 91 14.58 -12.29 -5.69
CA ILE A 91 14.11 -11.93 -4.38
C ILE A 91 12.82 -11.11 -4.58
N SER A 92 11.75 -11.48 -3.86
CA SER A 92 10.51 -10.68 -3.80
C SER A 92 10.04 -10.54 -2.35
N PHE A 93 9.32 -9.45 -2.07
CA PHE A 93 8.78 -9.22 -0.74
C PHE A 93 7.79 -8.05 -0.75
N TRP A 94 6.84 -8.17 0.19
CA TRP A 94 5.97 -7.06 0.57
C TRP A 94 6.66 -6.31 1.70
N ILE A 95 6.68 -4.98 1.57
CA ILE A 95 7.24 -4.10 2.57
C ILE A 95 6.29 -2.94 2.83
N ARG A 96 6.19 -2.55 4.11
CA ARG A 96 5.51 -1.36 4.51
C ARG A 96 6.46 -0.57 5.40
N VAL A 97 6.94 0.55 4.86
CA VAL A 97 7.86 1.47 5.49
C VAL A 97 7.11 2.71 5.93
N PRO A 98 7.28 3.18 7.19
CA PRO A 98 6.55 4.35 7.68
C PRO A 98 6.74 5.58 6.77
N ARG A 99 5.71 6.42 6.70
CA ARG A 99 5.76 7.63 5.92
C ARG A 99 6.86 8.55 6.45
N LEU A 100 7.66 9.03 5.51
CA LEU A 100 8.73 9.95 5.75
C LEU A 100 8.33 11.01 6.78
N ASN A 101 9.14 11.14 7.83
CA ASN A 101 8.86 12.04 8.92
C ASN A 101 10.16 12.72 9.35
N LYS A 102 10.05 13.70 10.26
CA LYS A 102 11.18 14.51 10.71
C LYS A 102 12.21 13.61 11.42
N ASN A 103 11.76 12.60 12.17
CA ASN A 103 12.69 11.69 12.87
C ASN A 103 13.63 10.99 11.88
N ASP A 104 13.18 10.77 10.65
CA ASP A 104 13.96 10.11 9.61
C ASP A 104 15.12 10.97 9.11
N PHE A 105 15.11 12.28 9.38
CA PHE A 105 16.08 13.21 8.79
C PHE A 105 17.42 13.09 9.53
N ILE A 106 17.41 12.49 10.72
CA ILE A 106 18.62 12.16 11.45
C ILE A 106 19.45 11.13 10.65
N ASP A 107 18.82 10.46 9.68
CA ASP A 107 19.45 9.46 8.85
C ASP A 107 19.57 9.97 7.40
N LEU A 108 19.49 11.29 7.21
CA LEU A 108 19.57 11.88 5.89
C LEU A 108 20.91 11.48 5.26
N GLY A 109 20.85 10.94 4.03
CA GLY A 109 22.03 10.60 3.26
C GLY A 109 22.74 9.36 3.76
N ILE A 110 22.20 8.70 4.79
CA ILE A 110 22.80 7.50 5.41
C ILE A 110 21.97 6.26 5.03
N GLU A 111 22.59 5.31 4.31
CA GLU A 111 22.01 3.99 4.00
C GLU A 111 21.97 3.17 5.29
N TYR A 112 20.87 2.47 5.57
CA TYR A 112 20.87 1.51 6.65
C TYR A 112 20.20 0.20 6.20
N ASP A 113 20.65 -0.90 6.83
CA ASP A 113 20.29 -2.27 6.46
C ASP A 113 18.84 -2.58 6.83
N LEU A 114 18.22 -3.40 5.99
CA LEU A 114 16.99 -4.07 6.31
C LEU A 114 17.20 -5.59 6.27
N VAL A 115 17.78 -6.07 5.16
CA VAL A 115 18.10 -7.46 4.95
C VAL A 115 19.53 -7.52 4.42
N ASN A 116 20.38 -8.31 5.08
CA ASN A 116 21.82 -8.23 4.89
C ASN A 116 22.38 -9.65 4.72
N ASN A 117 22.99 -9.89 3.55
CA ASN A 117 23.82 -11.07 3.32
C ASN A 117 25.16 -10.61 2.74
N MET A 118 25.80 -9.68 3.45
CA MET A 118 27.05 -9.06 3.05
C MET A 118 28.10 -9.31 4.13
N ASP A 119 29.21 -9.95 3.76
CA ASP A 119 30.39 -9.97 4.65
C ASP A 119 31.49 -9.19 3.91
N ASN A 120 32.48 -9.88 3.34
CA ASN A 120 33.43 -9.21 2.46
C ASN A 120 32.77 -9.01 1.10
N GLN A 121 31.86 -9.93 0.76
CA GLN A 121 31.10 -9.85 -0.47
C GLN A 121 29.67 -10.30 -0.18
N GLY A 122 28.80 -10.16 -1.20
CA GLY A 122 27.40 -10.62 -1.11
C GLY A 122 26.43 -9.55 -1.57
N TRP A 123 25.25 -9.52 -0.92
CA TRP A 123 24.20 -8.59 -1.26
C TRP A 123 23.55 -8.03 0.01
N LYS A 124 22.88 -6.88 -0.14
CA LYS A 124 22.02 -6.36 0.89
C LYS A 124 20.90 -5.51 0.30
N ILE A 125 19.84 -5.40 1.09
CA ILE A 125 18.69 -4.52 0.85
C ILE A 125 18.70 -3.49 1.98
N SER A 126 18.76 -2.20 1.59
CA SER A 126 18.88 -1.07 2.49
C SER A 126 17.80 -0.03 2.19
N LEU A 127 17.67 0.90 3.14
CA LEU A 127 16.86 2.08 2.98
C LEU A 127 17.79 3.30 3.01
N LYS A 128 17.41 4.30 2.22
CA LYS A 128 18.14 5.57 2.13
C LYS A 128 17.20 6.69 1.64
N ASP A 129 17.03 7.73 2.45
CA ASP A 129 16.30 8.95 2.03
C ASP A 129 14.96 8.55 1.40
N GLY A 130 14.19 7.73 2.13
CA GLY A 130 12.86 7.32 1.74
C GLY A 130 12.81 6.37 0.54
N ASN A 131 13.96 5.91 0.08
CA ASN A 131 14.10 5.07 -1.09
C ASN A 131 14.74 3.74 -0.68
N LEU A 132 14.84 2.82 -1.63
CA LEU A 132 15.29 1.44 -1.42
C LEU A 132 16.61 1.26 -2.19
N VAL A 133 17.56 0.56 -1.56
CA VAL A 133 18.84 0.23 -2.15
C VAL A 133 18.96 -1.29 -2.24
N TRP A 134 19.30 -1.78 -3.43
CA TRP A 134 19.80 -3.11 -3.70
C TRP A 134 21.27 -2.99 -4.04
N ARG A 135 22.13 -3.73 -3.35
CA ARG A 135 23.54 -3.69 -3.66
C ARG A 135 24.12 -5.10 -3.67
N MET A 136 24.96 -5.36 -4.69
CA MET A 136 25.79 -6.55 -4.83
C MET A 136 27.28 -6.12 -4.80
N LYS A 137 28.09 -6.89 -4.08
CA LYS A 137 29.55 -6.70 -4.09
C LYS A 137 30.22 -8.07 -4.22
N ASP A 138 31.12 -8.21 -5.19
CA ASP A 138 31.77 -9.49 -5.45
C ASP A 138 33.10 -9.54 -4.68
N ARG A 139 33.80 -10.65 -4.82
CA ARG A 139 34.99 -10.95 -4.04
C ARG A 139 36.19 -10.11 -4.49
N PHE A 140 36.08 -9.33 -5.57
CA PHE A 140 37.14 -8.37 -5.99
C PHE A 140 36.80 -6.94 -5.54
N GLY A 141 35.67 -6.76 -4.87
CA GLY A 141 35.23 -5.45 -4.43
C GLY A 141 34.44 -4.71 -5.50
N LYS A 142 34.09 -5.40 -6.59
CA LYS A 142 33.26 -4.81 -7.66
C LYS A 142 31.85 -4.60 -7.09
N ILE A 143 31.29 -3.39 -7.28
CA ILE A 143 30.01 -3.04 -6.68
C ILE A 143 29.01 -2.68 -7.78
N ILE A 144 27.78 -3.19 -7.64
CA ILE A 144 26.62 -2.77 -8.42
C ILE A 144 25.47 -2.55 -7.44
N ASP A 145 24.85 -1.38 -7.52
CA ASP A 145 23.68 -1.10 -6.73
C ASP A 145 22.59 -0.43 -7.59
N ILE A 146 21.35 -0.61 -7.13
CA ILE A 146 20.22 0.13 -7.61
C ILE A 146 19.74 0.95 -6.41
N ILE A 147 19.65 2.26 -6.59
CA ILE A 147 19.12 3.14 -5.60
C ILE A 147 17.89 3.80 -6.24
N THR A 148 16.68 3.47 -5.79
CA THR A 148 15.50 4.08 -6.37
C THR A 148 15.58 5.59 -6.10
N SER A 149 15.07 6.40 -7.04
CA SER A 149 15.22 7.86 -6.99
C SER A 149 13.84 8.50 -7.04
N LEU A 150 12.87 7.89 -6.36
CA LEU A 150 11.50 8.37 -6.31
C LEU A 150 11.45 9.58 -5.38
N THR A 151 10.52 10.50 -5.69
CA THR A 151 10.27 11.71 -4.92
C THR A 151 8.83 11.66 -4.43
N PHE A 152 8.60 12.15 -3.21
CA PHE A 152 7.29 12.08 -2.60
C PHE A 152 6.25 12.73 -3.54
N SER A 153 6.53 13.96 -4.00
CA SER A 153 5.61 14.78 -4.80
C SER A 153 5.05 14.00 -6.01
N ASN A 154 5.93 13.27 -6.70
CA ASN A 154 5.63 12.70 -8.00
C ASN A 154 5.16 11.24 -7.89
N SER A 155 5.58 10.52 -6.83
CA SER A 155 5.37 9.06 -6.74
C SER A 155 4.66 8.65 -5.44
N PHE A 156 4.22 9.62 -4.62
CA PHE A 156 3.69 9.29 -3.27
C PHE A 156 2.72 8.10 -3.33
N ILE A 157 1.71 8.21 -4.20
CA ILE A 157 0.60 7.30 -4.15
C ILE A 157 0.99 5.91 -4.68
N ASP A 158 1.68 5.86 -5.83
CA ASP A 158 1.77 4.61 -6.57
C ASP A 158 3.05 3.83 -6.23
N LYS A 159 4.15 4.50 -5.86
CA LYS A 159 5.44 3.78 -5.78
C LYS A 159 6.39 4.22 -4.65
N TYR A 160 6.32 5.45 -4.13
CA TYR A 160 7.30 5.92 -3.15
C TYR A 160 7.33 4.97 -1.94
N ILE A 161 8.53 4.65 -1.45
CA ILE A 161 8.72 3.58 -0.43
C ILE A 161 8.29 4.07 0.97
N SER A 162 8.82 5.21 1.42
CA SER A 162 8.55 5.72 2.75
C SER A 162 7.23 6.49 2.75
N SER A 163 6.13 5.74 2.58
CA SER A 163 4.78 6.23 2.34
C SER A 163 3.77 5.65 3.34
N ASN A 164 4.18 4.58 4.04
CA ASN A 164 3.33 3.75 4.90
C ASN A 164 2.33 2.92 4.10
N ILE A 165 2.50 2.83 2.79
CA ILE A 165 1.66 2.02 1.90
C ILE A 165 2.39 0.72 1.56
N TRP A 166 1.69 -0.41 1.58
CA TRP A 166 2.26 -1.72 1.18
C TRP A 166 2.76 -1.68 -0.26
N ARG A 167 4.06 -1.98 -0.45
CA ARG A 167 4.70 -2.04 -1.75
C ARG A 167 5.27 -3.46 -1.96
N HIS A 168 5.16 -3.95 -3.19
CA HIS A 168 5.71 -5.23 -3.53
C HIS A 168 6.98 -4.98 -4.32
N ILE A 169 8.08 -5.56 -3.84
CA ILE A 169 9.40 -5.37 -4.46
C ILE A 169 9.84 -6.69 -5.06
N THR A 170 10.36 -6.63 -6.30
CA THR A 170 10.95 -7.77 -6.93
C THR A 170 12.34 -7.35 -7.46
N ILE A 171 13.34 -8.20 -7.21
CA ILE A 171 14.72 -8.02 -7.70
C ILE A 171 15.12 -9.33 -8.40
N THR A 172 15.42 -9.26 -9.69
CA THR A 172 15.82 -10.43 -10.46
C THR A 172 17.32 -10.27 -10.78
N VAL A 173 18.06 -11.38 -10.62
CA VAL A 173 19.49 -11.42 -10.87
C VAL A 173 19.77 -12.57 -11.86
N ASN A 174 20.11 -12.17 -13.09
CA ASN A 174 20.66 -13.01 -14.10
C ASN A 174 22.16 -12.72 -14.14
N GLN A 175 22.93 -13.54 -13.41
CA GLN A 175 24.37 -13.34 -13.24
C GLN A 175 24.99 -13.39 -14.65
N LEU A 176 25.92 -12.47 -14.91
CA LEU A 176 26.57 -12.31 -16.22
C LEU A 176 25.75 -11.42 -17.16
N LYS A 177 24.46 -11.16 -16.85
CA LYS A 177 23.66 -10.27 -17.70
C LYS A 177 23.23 -9.02 -16.92
N ASP A 178 22.09 -9.10 -16.22
CA ASP A 178 21.54 -7.90 -15.61
C ASP A 178 20.85 -8.23 -14.29
N CYS A 179 20.78 -7.18 -13.49
CA CYS A 179 20.02 -7.09 -12.29
C CYS A 179 18.86 -6.13 -12.54
N THR A 180 17.62 -6.52 -12.18
CA THR A 180 16.42 -5.67 -12.47
C THR A 180 15.57 -5.54 -11.20
N LEU A 181 15.08 -4.31 -10.94
CA LEU A 181 14.23 -4.03 -9.78
C LEU A 181 12.85 -3.55 -10.24
N TYR A 182 11.83 -4.08 -9.55
CA TYR A 182 10.42 -3.84 -9.82
C TYR A 182 9.74 -3.35 -8.53
N ILE A 183 8.80 -2.40 -8.66
CA ILE A 183 7.83 -2.06 -7.61
C ILE A 183 6.43 -2.31 -8.18
N ASN A 184 5.61 -3.08 -7.44
CA ASN A 184 4.24 -3.42 -7.80
C ASN A 184 4.21 -3.98 -9.23
N GLY A 185 5.16 -4.86 -9.54
CA GLY A 185 5.17 -5.56 -10.81
C GLY A 185 5.67 -4.72 -11.97
N ASP A 186 6.02 -3.45 -11.74
CA ASP A 186 6.57 -2.55 -12.76
C ASP A 186 8.09 -2.41 -12.62
N LYS A 187 8.81 -2.63 -13.72
CA LYS A 187 10.24 -2.45 -13.78
C LYS A 187 10.60 -0.97 -13.58
N ILE A 188 11.52 -0.72 -12.65
CA ILE A 188 11.93 0.60 -12.20
C ILE A 188 13.33 0.94 -12.74
N ASP A 189 14.23 -0.03 -12.61
CA ASP A 189 15.63 0.19 -12.93
C ASP A 189 16.30 -1.16 -13.25
N SER A 190 17.46 -1.07 -13.90
CA SER A 190 18.26 -2.23 -14.20
C SER A 190 19.74 -1.83 -14.42
N LYS A 191 20.63 -2.78 -14.14
CA LYS A 191 22.05 -2.60 -14.26
C LYS A 191 22.66 -3.83 -14.93
N SER A 192 23.72 -3.62 -15.73
CA SER A 192 24.50 -4.68 -16.27
C SER A 192 25.38 -5.25 -15.17
N ILE A 193 25.42 -6.57 -15.02
CA ILE A 193 26.28 -7.21 -14.01
C ILE A 193 27.22 -8.23 -14.67
N ASN A 194 27.46 -8.07 -15.98
CA ASN A 194 28.46 -8.85 -16.73
C ASN A 194 29.87 -8.68 -16.14
N GLU A 195 30.14 -7.58 -15.42
CA GLU A 195 31.49 -7.32 -14.82
C GLU A 195 31.65 -7.99 -13.45
N LEU A 196 30.54 -8.47 -12.88
CA LEU A 196 30.51 -8.95 -11.52
C LEU A 196 30.88 -10.43 -11.53
N ARG A 197 31.69 -10.85 -10.56
CA ARG A 197 31.96 -12.25 -10.39
C ARG A 197 31.08 -12.73 -9.21
N GLY A 198 31.65 -13.58 -8.36
CA GLY A 198 30.87 -14.27 -7.35
C GLY A 198 30.55 -13.37 -6.17
N ILE A 199 29.32 -13.50 -5.64
CA ILE A 199 28.89 -12.79 -4.44
C ILE A 199 28.54 -13.79 -3.34
N ASP A 200 28.72 -15.09 -3.60
CA ASP A 200 28.45 -16.12 -2.61
C ASP A 200 29.31 -15.90 -1.38
N ASN A 201 28.79 -16.33 -0.22
CA ASN A 201 29.51 -16.26 1.02
C ASN A 201 28.91 -17.31 1.95
N ASN A 202 29.52 -17.48 3.12
CA ASN A 202 29.07 -18.44 4.10
C ASN A 202 28.38 -17.76 5.27
N SER A 203 28.04 -16.46 5.17
CA SER A 203 27.38 -15.75 6.26
C SER A 203 25.87 -16.01 6.21
N PRO A 204 25.11 -15.85 7.32
CA PRO A 204 23.65 -15.96 7.25
C PRO A 204 23.01 -14.73 6.59
N ILE A 205 21.74 -14.86 6.19
CA ILE A 205 20.88 -13.71 5.84
C ILE A 205 20.29 -13.14 7.14
N ILE A 206 20.52 -11.85 7.40
CA ILE A 206 20.07 -11.20 8.64
C ILE A 206 18.98 -10.20 8.27
N PHE A 207 17.79 -10.42 8.83
CA PHE A 207 16.66 -9.49 8.71
C PHE A 207 16.65 -8.62 9.96
N LYS A 208 17.01 -7.35 9.81
CA LYS A 208 17.24 -6.45 10.93
C LYS A 208 17.53 -5.04 10.44
N LEU A 209 16.92 -4.05 11.09
CA LEU A 209 17.29 -2.65 10.93
C LEU A 209 18.67 -2.44 11.57
N GLU A 210 19.67 -2.09 10.74
CA GLU A 210 21.03 -1.90 11.22
C GLU A 210 21.61 -0.62 10.63
N GLY A 211 21.97 0.34 11.49
CA GLY A 211 22.67 1.56 11.06
C GLY A 211 21.83 2.82 11.18
N ASN A 212 20.54 2.66 11.47
CA ASN A 212 19.59 3.78 11.57
C ASN A 212 19.72 4.44 12.96
N ARG A 213 19.90 5.77 12.99
CA ARG A 213 19.93 6.50 14.26
C ARG A 213 18.50 6.81 14.72
N ASN A 214 17.55 6.83 13.78
CA ASN A 214 16.11 7.01 14.11
C ASN A 214 15.57 5.68 14.66
N LYS A 215 15.49 5.57 15.99
CA LYS A 215 15.15 4.32 16.65
C LYS A 215 13.64 4.16 16.79
N ASN A 216 12.87 5.13 16.30
CA ASN A 216 11.43 4.98 16.18
C ASN A 216 11.10 4.21 14.90
N GLN A 217 12.07 4.02 14.00
CA GLN A 217 11.82 3.32 12.75
C GLN A 217 11.43 1.86 13.03
N PHE A 218 10.49 1.38 12.23
CA PHE A 218 10.05 0.00 12.26
C PHE A 218 9.56 -0.35 10.86
N ILE A 219 9.69 -1.62 10.49
CA ILE A 219 9.31 -2.05 9.16
C ILE A 219 8.39 -3.26 9.30
N ARG A 220 7.41 -3.36 8.41
CA ARG A 220 6.61 -4.55 8.29
C ARG A 220 6.97 -5.24 6.97
N LEU A 221 7.15 -6.56 7.04
CA LEU A 221 7.76 -7.35 5.97
C LEU A 221 7.02 -8.68 5.84
N ASP A 222 6.61 -9.04 4.63
CA ASP A 222 5.82 -10.23 4.41
C ASP A 222 6.19 -10.89 3.06
N GLN A 223 6.11 -12.22 3.03
CA GLN A 223 6.35 -13.02 1.83
C GLN A 223 7.72 -12.64 1.24
N PHE A 224 8.77 -12.67 2.08
CA PHE A 224 10.11 -12.51 1.57
C PHE A 224 10.53 -13.86 0.98
N ASN A 225 10.55 -13.88 -0.35
CA ASN A 225 10.68 -15.08 -1.11
C ASN A 225 12.01 -15.03 -1.87
N ILE A 226 12.68 -16.19 -1.94
CA ILE A 226 13.83 -16.42 -2.84
C ILE A 226 13.45 -17.53 -3.83
N TYR A 227 13.71 -17.26 -5.11
CA TYR A 227 13.47 -18.17 -6.19
C TYR A 227 14.83 -18.46 -6.85
N GLN A 228 14.98 -19.69 -7.34
CA GLN A 228 16.25 -20.18 -7.88
C GLN A 228 16.29 -19.96 -9.40
N ARG A 229 15.58 -18.94 -9.88
CA ARG A 229 15.61 -18.51 -11.27
C ARG A 229 15.40 -16.99 -11.28
N ALA A 230 15.84 -16.33 -12.35
CA ALA A 230 15.59 -14.92 -12.60
C ALA A 230 14.27 -14.79 -13.37
N LEU A 231 13.22 -14.25 -12.73
CA LEU A 231 11.94 -14.17 -13.40
C LEU A 231 12.05 -13.11 -14.50
N ASN A 232 11.34 -13.33 -15.62
CA ASN A 232 11.25 -12.34 -16.67
C ASN A 232 10.15 -11.33 -16.30
N GLU A 233 10.08 -10.26 -17.08
CA GLU A 233 9.22 -9.10 -16.84
C GLU A 233 7.76 -9.57 -16.72
N SER A 234 7.35 -10.51 -17.57
CA SER A 234 5.95 -11.03 -17.58
C SER A 234 5.67 -11.87 -16.32
N GLU A 235 6.66 -12.66 -15.91
CA GLU A 235 6.54 -13.48 -14.72
C GLU A 235 6.42 -12.60 -13.47
N VAL A 236 7.11 -11.46 -13.42
CA VAL A 236 7.07 -10.57 -12.23
C VAL A 236 5.66 -9.95 -12.12
N GLU A 237 5.09 -9.55 -13.26
CA GLU A 237 3.71 -9.00 -13.28
C GLU A 237 2.74 -10.05 -12.75
N MET A 238 2.90 -11.28 -13.22
CA MET A 238 2.06 -12.43 -12.81
C MET A 238 2.22 -12.67 -11.30
N LEU A 239 3.45 -12.60 -10.79
CA LEU A 239 3.71 -12.79 -9.35
C LEU A 239 2.96 -11.71 -8.56
N PHE A 240 3.06 -10.46 -9.01
CA PHE A 240 2.41 -9.35 -8.32
C PHE A 240 0.90 -9.56 -8.30
N ASN A 241 0.34 -9.91 -9.47
CA ASN A 241 -1.10 -10.10 -9.67
C ASN A 241 -1.62 -11.24 -8.77
N SER A 242 -0.75 -12.21 -8.47
CA SER A 242 -1.16 -13.38 -7.74
C SER A 242 -1.52 -13.04 -6.30
N TYR A 243 -1.09 -11.88 -5.82
CA TYR A 243 -1.40 -11.44 -4.46
C TYR A 243 -2.78 -10.77 -4.36
N PHE A 244 -3.48 -10.62 -5.49
CA PHE A 244 -4.79 -9.95 -5.53
C PHE A 244 -5.82 -10.85 -6.24
N ASN A 245 -5.83 -12.13 -5.87
CA ASN A 245 -6.62 -13.16 -6.56
C ASN A 245 -8.06 -13.18 -6.03
N SER A 246 -8.36 -12.44 -4.96
CA SER A 246 -9.67 -12.46 -4.34
C SER A 246 -10.44 -11.18 -4.70
N ASN A 247 -11.70 -11.14 -4.28
CA ASN A 247 -12.61 -10.06 -4.63
C ASN A 247 -12.71 -9.04 -3.49
N ILE A 248 -11.84 -9.13 -2.48
CA ILE A 248 -11.86 -8.18 -1.38
C ILE A 248 -11.37 -6.83 -1.91
N LEU A 249 -12.01 -5.76 -1.43
CA LEU A 249 -11.53 -4.41 -1.69
C LEU A 249 -10.41 -4.10 -0.69
N ARG A 250 -9.78 -2.95 -0.87
CA ARG A 250 -8.61 -2.56 -0.13
C ARG A 250 -8.80 -1.18 0.47
N ASP A 251 -8.13 -0.96 1.60
CA ASP A 251 -7.96 0.36 2.14
C ASP A 251 -6.73 1.04 1.51
N PHE A 252 -6.56 2.31 1.87
CA PHE A 252 -5.56 3.21 1.36
C PHE A 252 -4.14 2.62 1.50
N TRP A 253 -3.92 1.86 2.59
CA TRP A 253 -2.63 1.29 2.91
C TRP A 253 -2.36 0.00 2.12
N GLY A 254 -3.41 -0.61 1.54
CA GLY A 254 -3.30 -1.88 0.80
C GLY A 254 -3.74 -3.10 1.61
N GLU A 255 -4.38 -2.87 2.76
CA GLU A 255 -4.93 -3.92 3.63
C GLU A 255 -6.40 -4.11 3.31
N PRO A 256 -6.98 -5.29 3.65
CA PRO A 256 -8.37 -5.57 3.30
C PRO A 256 -9.32 -4.51 3.87
N LEU A 257 -10.28 -4.06 3.04
CA LEU A 257 -11.27 -3.08 3.43
C LEU A 257 -12.26 -3.79 4.37
N GLU A 258 -12.68 -3.14 5.45
CA GLU A 258 -13.55 -3.83 6.43
C GLU A 258 -14.86 -3.08 6.67
N TYR A 259 -15.86 -3.86 7.10
CA TYR A 259 -17.11 -3.35 7.60
C TYR A 259 -16.97 -2.95 9.06
N ASN A 260 -17.77 -1.96 9.47
CA ASN A 260 -17.91 -1.57 10.86
C ASN A 260 -16.56 -1.10 11.41
N LYS A 261 -15.76 -0.43 10.57
CA LYS A 261 -14.46 0.08 10.96
C LYS A 261 -14.38 1.57 10.59
N SER A 262 -13.98 2.39 11.58
CA SER A 262 -13.91 3.86 11.41
C SER A 262 -12.84 4.21 10.38
N TYR A 263 -13.24 5.00 9.38
CA TYR A 263 -12.38 5.39 8.29
C TYR A 263 -12.52 6.89 8.05
N TYR A 264 -11.45 7.49 7.53
CA TYR A 264 -11.53 8.73 6.79
C TYR A 264 -11.75 8.38 5.32
N MET A 265 -12.65 9.11 4.69
CA MET A 265 -13.02 8.85 3.33
C MET A 265 -12.49 10.00 2.49
N ILE A 266 -11.72 9.67 1.45
CA ILE A 266 -10.94 10.59 0.65
C ILE A 266 -11.18 10.36 -0.84
N ASN A 267 -11.26 11.46 -1.58
CA ASN A 267 -11.35 11.43 -3.02
C ASN A 267 -9.96 11.52 -3.60
N GLN A 268 -9.67 10.67 -4.59
CA GLN A 268 -8.33 10.55 -5.13
C GLN A 268 -7.84 11.90 -5.68
N ALA A 269 -8.77 12.74 -6.17
CA ALA A 269 -8.39 13.97 -6.83
C ALA A 269 -7.88 15.01 -5.81
N ILE A 270 -8.24 14.89 -4.52
CA ILE A 270 -7.81 15.83 -3.48
C ILE A 270 -7.46 15.04 -2.24
N LEU A 271 -6.23 14.52 -2.19
CA LEU A 271 -5.84 13.59 -1.14
C LEU A 271 -5.89 14.25 0.24
N GLY A 272 -5.50 15.53 0.31
CA GLY A 272 -5.46 16.30 1.55
C GLY A 272 -6.75 17.04 1.85
N GLY A 273 -7.80 16.80 1.06
CA GLY A 273 -9.12 17.45 1.26
C GLY A 273 -9.97 16.68 2.26
N PRO A 274 -10.32 17.24 3.43
CA PRO A 274 -11.11 16.51 4.43
C PRO A 274 -12.60 16.45 4.05
N LEU A 275 -13.22 15.28 4.24
CA LEU A 275 -14.66 15.13 4.04
C LEU A 275 -15.35 15.83 5.23
N ARG A 276 -16.15 16.84 4.89
CA ARG A 276 -16.91 17.64 5.86
C ARG A 276 -18.40 17.58 5.48
N SER A 277 -19.26 18.16 6.34
CA SER A 277 -20.68 18.30 6.06
C SER A 277 -21.19 19.66 6.56
N THR A 278 -22.27 20.11 5.92
CA THR A 278 -22.85 21.41 6.17
C THR A 278 -24.38 21.28 6.08
N TYR A 279 -25.06 21.77 7.11
CA TYR A 279 -26.50 21.84 7.14
C TYR A 279 -26.94 23.06 6.33
N LYS A 280 -27.69 22.82 5.25
CA LYS A 280 -28.25 23.90 4.47
C LYS A 280 -29.69 24.12 4.93
N SER A 281 -29.86 25.15 5.77
CA SER A 281 -31.14 25.51 6.40
C SER A 281 -32.26 25.61 5.36
N TRP A 282 -31.96 26.18 4.20
CA TRP A 282 -32.93 26.37 3.12
C TRP A 282 -33.68 25.06 2.83
N TYR A 283 -32.95 24.04 2.36
CA TYR A 283 -33.47 22.68 2.28
C TYR A 283 -33.46 22.11 3.70
N GLY A 284 -33.98 20.89 3.87
CA GLY A 284 -33.95 20.31 5.19
C GLY A 284 -32.70 19.46 5.44
N GLU A 285 -31.60 19.73 4.71
CA GLU A 285 -30.58 18.70 4.42
C GLU A 285 -29.18 19.09 4.91
N TYR A 286 -28.46 18.06 5.38
CA TYR A 286 -27.01 18.07 5.52
C TYR A 286 -26.36 17.55 4.23
N TYR A 287 -25.40 18.30 3.71
CA TYR A 287 -24.65 17.97 2.50
C TYR A 287 -23.20 17.63 2.88
N PRO A 288 -22.67 16.44 2.49
CA PRO A 288 -21.24 16.19 2.63
C PRO A 288 -20.51 16.89 1.48
N TYR A 289 -19.28 17.35 1.74
CA TYR A 289 -18.45 17.93 0.69
C TYR A 289 -16.97 17.66 1.00
N ILE A 290 -16.11 17.71 -0.03
CA ILE A 290 -14.66 17.67 0.19
C ILE A 290 -14.18 19.12 0.29
N SER A 291 -13.51 19.43 1.39
CA SER A 291 -12.97 20.74 1.62
C SER A 291 -11.65 20.89 0.87
N ARG A 292 -11.10 22.11 0.88
CA ARG A 292 -9.85 22.39 0.19
C ARG A 292 -8.72 21.53 0.79
N MET A 293 -7.73 21.22 -0.06
CA MET A 293 -6.55 20.42 0.27
C MET A 293 -5.84 21.05 1.47
N ARG A 294 -5.61 20.25 2.52
CA ARG A 294 -4.74 20.61 3.64
C ARG A 294 -3.45 19.81 3.52
N THR A 295 -2.30 20.49 3.69
CA THR A 295 -0.97 19.88 3.64
C THR A 295 -0.12 20.41 4.80
N PHE A 296 0.90 19.63 5.17
CA PHE A 296 1.94 20.08 6.08
C PHE A 296 3.30 19.86 5.42
N ASN A 297 4.31 20.44 6.05
CA ASN A 297 5.68 20.42 5.57
C ASN A 297 6.49 19.47 6.45
N VAL A 298 7.20 18.54 5.80
CA VAL A 298 8.18 17.73 6.50
C VAL A 298 9.55 18.40 6.35
N SER A 299 9.82 18.89 5.15
CA SER A 299 10.80 19.94 4.89
C SER A 299 10.13 21.04 4.05
N SER A 300 10.87 22.11 3.77
CA SER A 300 10.38 23.18 2.91
C SER A 300 10.08 22.67 1.50
N PHE A 301 10.75 21.58 1.09
CA PHE A 301 10.64 21.07 -0.28
C PHE A 301 9.63 19.92 -0.41
N ILE A 302 9.07 19.42 0.71
CA ILE A 302 8.12 18.25 0.71
C ILE A 302 6.83 18.62 1.44
N LEU A 303 5.73 18.67 0.69
CA LEU A 303 4.38 18.85 1.19
C LEU A 303 3.71 17.47 1.33
N ILE A 304 3.12 17.21 2.49
CA ILE A 304 2.41 15.97 2.75
C ILE A 304 0.94 16.30 3.02
N PRO A 305 -0.01 15.55 2.41
CA PRO A 305 -1.43 15.77 2.68
C PRO A 305 -1.79 15.24 4.06
N TYR A 306 -2.66 15.97 4.75
CA TYR A 306 -3.29 15.47 5.95
C TYR A 306 -4.28 14.37 5.55
N LEU A 307 -4.31 13.28 6.32
CA LEU A 307 -5.31 12.21 6.14
C LEU A 307 -6.28 12.15 7.32
N TYR A 308 -5.82 12.52 8.53
CA TYR A 308 -6.60 12.34 9.75
C TYR A 308 -7.31 13.66 10.16
N HIS A 309 -6.66 14.80 9.89
CA HIS A 309 -7.16 16.18 10.20
C HIS A 309 -7.59 16.29 11.67
N LYS A 310 -6.71 15.86 12.58
CA LYS A 310 -7.02 15.87 14.01
C LYS A 310 -7.22 17.32 14.46
N GLY A 311 -8.17 17.52 15.38
CA GLY A 311 -8.61 18.84 15.80
C GLY A 311 -9.46 19.56 14.75
N SER A 312 -10.29 18.81 14.01
CA SER A 312 -11.20 19.37 13.00
C SER A 312 -12.53 18.62 12.97
N ASP A 313 -13.47 19.16 12.18
CA ASP A 313 -14.84 18.64 12.06
C ASP A 313 -14.92 17.54 10.99
N VAL A 314 -13.75 17.00 10.56
CA VAL A 314 -13.69 15.94 9.55
C VAL A 314 -14.72 14.86 9.90
N GLU A 315 -15.42 14.35 8.89
CA GLU A 315 -16.41 13.31 9.06
C GLU A 315 -15.73 11.95 9.01
N LYS A 316 -15.85 11.20 10.12
CA LYS A 316 -15.50 9.80 10.13
C LYS A 316 -16.69 8.99 9.58
N VAL A 317 -16.39 7.90 8.85
CA VAL A 317 -17.43 6.99 8.28
C VAL A 317 -17.14 5.53 8.62
N LYS A 318 -18.20 4.73 8.62
CA LYS A 318 -18.14 3.28 8.66
C LYS A 318 -18.97 2.74 7.51
N ILE A 319 -18.48 1.64 6.92
CA ILE A 319 -19.19 0.92 5.86
C ILE A 319 -20.01 -0.16 6.56
N ILE A 320 -21.31 -0.21 6.29
CA ILE A 320 -22.24 -1.06 6.99
C ILE A 320 -23.03 -1.89 5.98
N ASN A 321 -23.23 -3.16 6.30
CA ASN A 321 -23.96 -4.10 5.47
C ASN A 321 -24.47 -5.21 6.39
N LYS A 322 -25.77 -5.20 6.67
CA LYS A 322 -26.36 -6.16 7.60
C LYS A 322 -26.38 -7.57 6.96
N ASN A 323 -26.09 -7.69 5.66
CA ASN A 323 -25.95 -9.00 5.01
C ASN A 323 -24.48 -9.36 4.82
N ASN A 324 -23.57 -8.76 5.57
CA ASN A 324 -22.15 -9.13 5.45
C ASN A 324 -22.02 -10.60 5.84
N VAL A 325 -20.97 -11.25 5.35
CA VAL A 325 -20.71 -12.64 5.68
C VAL A 325 -19.49 -12.77 6.60
N ASP A 326 -18.52 -11.85 6.46
CA ASP A 326 -17.43 -11.70 7.40
C ASP A 326 -17.12 -10.20 7.50
N LYS A 327 -15.95 -9.84 8.01
CA LYS A 327 -15.65 -8.46 8.26
C LYS A 327 -15.20 -7.74 6.98
N TYR A 328 -15.01 -8.48 5.88
CA TYR A 328 -14.35 -7.92 4.72
C TYR A 328 -15.36 -7.42 3.70
N VAL A 329 -15.03 -6.29 3.06
CA VAL A 329 -15.83 -5.73 1.99
C VAL A 329 -15.31 -6.32 0.70
N ARG A 330 -16.24 -6.87 -0.10
CA ARG A 330 -15.92 -7.42 -1.39
C ARG A 330 -16.58 -6.61 -2.50
N LYS A 331 -15.89 -6.62 -3.64
CA LYS A 331 -16.31 -6.05 -4.89
C LYS A 331 -17.78 -6.44 -5.17
N ASN A 332 -18.62 -5.43 -5.38
CA ASN A 332 -20.04 -5.51 -5.72
C ASN A 332 -20.95 -5.68 -4.51
N ASP A 333 -20.43 -5.53 -3.30
CA ASP A 333 -21.28 -5.58 -2.10
C ASP A 333 -22.14 -4.32 -2.05
N VAL A 334 -23.40 -4.50 -1.62
CA VAL A 334 -24.29 -3.40 -1.36
C VAL A 334 -24.11 -3.00 0.10
N ALA A 335 -23.86 -1.71 0.33
CA ALA A 335 -23.48 -1.27 1.65
C ALA A 335 -23.79 0.22 1.78
N ASP A 336 -23.96 0.67 3.03
CA ASP A 336 -24.17 2.06 3.29
C ASP A 336 -22.90 2.64 3.89
N VAL A 337 -22.71 3.93 3.64
CA VAL A 337 -21.67 4.71 4.28
C VAL A 337 -22.32 5.58 5.36
N LYS A 338 -22.07 5.20 6.61
CA LYS A 338 -22.64 5.79 7.80
C LYS A 338 -21.67 6.84 8.36
N PHE A 339 -22.22 8.02 8.62
CA PHE A 339 -21.46 9.12 9.15
C PHE A 339 -21.54 9.07 10.69
N GLU A 340 -20.42 8.69 11.31
CA GLU A 340 -20.26 8.41 12.73
C GLU A 340 -20.53 9.67 13.59
N ASN A 341 -20.18 10.85 13.08
CA ASN A 341 -20.40 12.12 13.80
C ASN A 341 -21.90 12.32 14.09
N TYR A 342 -22.76 11.76 13.24
CA TYR A 342 -24.21 11.95 13.32
C TYR A 342 -24.91 10.74 13.95
N GLY A 343 -24.26 9.58 13.94
CA GLY A 343 -24.78 8.39 14.58
C GLY A 343 -25.71 7.60 13.69
N ASN A 344 -26.66 8.26 13.01
CA ASN A 344 -27.75 7.53 12.33
C ASN A 344 -27.96 8.01 10.88
N LEU A 345 -27.06 8.85 10.35
CA LEU A 345 -27.20 9.33 8.99
C LEU A 345 -26.28 8.54 8.05
N ILE A 346 -26.78 8.30 6.82
CA ILE A 346 -26.05 7.62 5.75
C ILE A 346 -26.01 8.49 4.49
N LEU A 347 -25.02 8.20 3.63
CA LEU A 347 -24.84 8.88 2.38
C LEU A 347 -25.93 8.40 1.44
N THR A 348 -26.78 9.32 0.96
CA THR A 348 -27.86 8.95 0.06
C THR A 348 -28.26 10.15 -0.79
N LEU A 349 -29.23 9.96 -1.68
CA LEU A 349 -29.81 11.04 -2.42
C LEU A 349 -31.06 11.50 -1.68
N PRO A 350 -31.44 12.78 -1.85
CA PRO A 350 -32.71 13.26 -1.31
C PRO A 350 -33.87 12.77 -2.21
N MET A 351 -35.06 12.78 -1.63
CA MET A 351 -36.29 12.44 -2.30
C MET A 351 -36.44 13.31 -3.55
N TYR A 352 -36.66 12.65 -4.70
CA TYR A 352 -36.62 13.28 -6.01
C TYR A 352 -37.63 14.43 -6.16
N SER A 353 -38.81 14.25 -5.54
CA SER A 353 -39.91 15.22 -5.59
C SER A 353 -39.50 16.55 -4.93
N LYS A 354 -38.67 16.46 -3.90
CA LYS A 354 -38.19 17.60 -3.11
C LYS A 354 -37.04 18.26 -3.86
N ILE A 355 -35.97 17.48 -4.04
CA ILE A 355 -34.74 17.89 -4.69
C ILE A 355 -34.44 16.86 -5.77
N LYS A 356 -34.46 17.29 -7.03
CA LYS A 356 -34.33 16.41 -8.18
C LYS A 356 -32.86 16.30 -8.61
N GLU A 357 -31.97 17.14 -8.06
CA GLU A 357 -30.55 17.20 -8.45
C GLU A 357 -29.81 15.96 -7.93
N ARG A 358 -28.59 15.77 -8.40
CA ARG A 358 -27.82 14.54 -8.18
C ARG A 358 -26.86 14.68 -6.99
N TYR A 359 -26.94 15.79 -6.24
CA TYR A 359 -26.11 16.02 -5.08
C TYR A 359 -26.52 15.06 -3.96
N MET A 360 -25.51 14.52 -3.27
CA MET A 360 -25.74 13.60 -2.18
C MET A 360 -25.98 14.41 -0.91
N VAL A 361 -26.77 13.84 0.00
CA VAL A 361 -27.05 14.37 1.30
C VAL A 361 -26.78 13.28 2.33
N LEU A 362 -26.83 13.66 3.61
CA LEU A 362 -26.80 12.73 4.72
C LEU A 362 -28.21 12.65 5.31
N ASN A 363 -28.76 11.44 5.34
CA ASN A 363 -30.16 11.25 5.67
C ASN A 363 -30.29 9.93 6.43
N GLU A 364 -31.24 9.88 7.36
CA GLU A 364 -31.61 8.67 8.06
C GLU A 364 -32.32 7.73 7.08
N GLY A 365 -33.07 8.32 6.15
CA GLY A 365 -33.84 7.62 5.13
C GLY A 365 -33.01 7.19 3.93
N ARG A 366 -32.72 5.88 3.88
CA ARG A 366 -32.12 5.18 2.74
C ARG A 366 -32.98 5.41 1.49
N ASN A 367 -32.35 5.95 0.45
CA ASN A 367 -33.01 6.30 -0.80
C ASN A 367 -32.15 5.82 -1.98
N GLY A 368 -32.34 4.54 -2.34
CA GLY A 368 -31.54 3.89 -3.36
C GLY A 368 -30.51 2.99 -2.70
N ASP A 369 -29.58 2.46 -3.51
CA ASP A 369 -28.56 1.53 -3.05
C ASP A 369 -27.19 2.07 -3.49
N LEU A 370 -26.20 1.85 -2.61
CA LEU A 370 -24.79 2.05 -2.88
C LEU A 370 -24.16 0.67 -3.05
N LYS A 371 -23.29 0.57 -4.06
CA LYS A 371 -22.50 -0.61 -4.30
C LYS A 371 -21.03 -0.17 -4.39
N LEU A 372 -20.16 -0.83 -3.62
CA LEU A 372 -18.74 -0.61 -3.74
C LEU A 372 -18.20 -1.60 -4.78
N ILE A 373 -17.56 -1.04 -5.81
CA ILE A 373 -17.13 -1.79 -6.98
C ILE A 373 -15.67 -1.48 -7.28
N GLN A 374 -15.09 -2.33 -8.12
CA GLN A 374 -13.77 -2.13 -8.63
C GLN A 374 -13.82 -2.32 -10.14
N LEU A 375 -13.79 -1.22 -10.87
CA LEU A 375 -13.87 -1.22 -12.32
C LEU A 375 -12.47 -1.31 -12.95
N GLN A 376 -11.43 -1.13 -12.13
CA GLN A 376 -10.04 -1.32 -12.53
C GLN A 376 -9.63 -2.73 -12.09
N SER A 377 -8.36 -2.96 -11.76
CA SER A 377 -7.89 -4.29 -11.33
C SER A 377 -7.91 -4.40 -9.80
N ASN A 378 -7.86 -5.64 -9.29
CA ASN A 378 -8.00 -5.94 -7.85
C ASN A 378 -6.84 -5.36 -7.02
N ASP A 379 -5.73 -5.01 -7.67
CA ASP A 379 -4.56 -4.49 -6.99
C ASP A 379 -4.72 -3.03 -6.57
N LYS A 380 -5.71 -2.30 -7.11
CA LYS A 380 -5.90 -0.88 -6.76
C LYS A 380 -6.34 -0.74 -5.30
N TYR A 381 -5.80 0.29 -4.62
CA TYR A 381 -6.07 0.50 -3.20
C TYR A 381 -7.21 1.51 -3.02
N TYR A 382 -7.92 1.81 -4.10
CA TYR A 382 -9.12 2.65 -4.09
C TYR A 382 -10.27 1.83 -4.67
N CYS A 383 -11.50 2.32 -4.54
CA CYS A 383 -12.63 1.73 -5.22
C CYS A 383 -13.49 2.83 -5.86
N GLN A 384 -14.53 2.41 -6.57
CA GLN A 384 -15.56 3.31 -7.02
C GLN A 384 -16.86 2.95 -6.30
N ILE A 385 -17.82 3.87 -6.32
CA ILE A 385 -19.07 3.69 -5.62
C ILE A 385 -20.21 4.00 -6.58
N ARG A 386 -21.04 2.98 -6.83
CA ARG A 386 -22.12 3.04 -7.77
C ARG A 386 -23.41 3.31 -7.00
N ILE A 387 -24.12 4.36 -7.44
CA ILE A 387 -25.40 4.79 -6.93
C ILE A 387 -26.48 4.21 -7.84
N PHE A 388 -27.42 3.46 -7.25
CA PHE A 388 -28.59 2.89 -7.91
C PHE A 388 -29.82 3.59 -7.37
N GLU A 389 -30.48 4.38 -8.22
CA GLU A 389 -31.63 5.17 -7.81
C GLU A 389 -32.51 5.39 -9.02
N MET A 390 -33.82 5.50 -8.77
CA MET A 390 -34.80 5.50 -9.84
C MET A 390 -34.39 6.46 -10.96
N TYR A 391 -34.04 7.70 -10.61
CA TYR A 391 -33.81 8.74 -11.61
C TYR A 391 -32.34 9.15 -11.72
N ARG A 392 -31.47 8.75 -10.78
CA ARG A 392 -30.15 9.36 -10.67
C ARG A 392 -29.05 8.29 -10.47
N ASN A 393 -29.13 7.22 -11.27
CA ASN A 393 -28.05 6.23 -11.32
C ASN A 393 -26.76 6.96 -11.70
N GLY A 394 -25.65 6.58 -11.07
CA GLY A 394 -24.34 7.16 -11.42
C GLY A 394 -23.21 6.59 -10.59
N LEU A 395 -22.00 7.12 -10.83
CA LEU A 395 -20.85 6.87 -9.98
C LEU A 395 -20.69 8.08 -9.07
N LEU A 396 -20.37 7.80 -7.82
CA LEU A 396 -20.13 8.84 -6.85
C LEU A 396 -18.86 9.60 -7.26
N SER A 397 -19.01 10.92 -7.36
CA SER A 397 -17.94 11.82 -7.70
C SER A 397 -18.08 13.12 -6.90
N ILE A 398 -17.16 14.04 -7.15
CA ILE A 398 -17.18 15.39 -6.61
C ILE A 398 -17.49 16.34 -7.78
N ALA A 399 -18.36 17.32 -7.51
CA ALA A 399 -18.87 18.23 -8.54
C ALA A 399 -17.83 19.32 -8.83
N ASP A 400 -17.28 19.27 -10.05
CA ASP A 400 -16.03 19.94 -10.50
C ASP A 400 -14.86 19.52 -9.61
N SER A 407 -11.42 26.38 -5.83
CA SER A 407 -12.73 26.37 -5.18
C SER A 407 -12.57 26.12 -3.67
N SER A 408 -13.65 26.43 -2.94
CA SER A 408 -13.73 26.32 -1.48
C SER A 408 -13.79 24.85 -1.04
N GLY A 409 -14.61 24.10 -1.77
CA GLY A 409 -14.90 22.70 -1.53
C GLY A 409 -15.76 22.17 -2.68
N TRP A 410 -16.05 20.87 -2.65
CA TRP A 410 -16.71 20.20 -3.75
C TRP A 410 -17.74 19.24 -3.17
N TYR A 411 -18.99 19.42 -3.61
CA TYR A 411 -20.11 18.58 -3.15
C TYR A 411 -19.99 17.21 -3.80
N LEU A 412 -20.53 16.20 -3.11
CA LEU A 412 -20.58 14.84 -3.67
C LEU A 412 -21.85 14.74 -4.54
N TYR A 413 -21.76 14.02 -5.66
CA TYR A 413 -22.92 13.81 -6.53
C TYR A 413 -22.85 12.47 -7.26
N SER A 414 -24.01 12.01 -7.71
CA SER A 414 -24.15 10.81 -8.54
C SER A 414 -24.05 11.18 -10.02
N SER A 415 -22.92 10.83 -10.67
CA SER A 415 -22.67 11.17 -12.08
C SER A 415 -23.16 10.04 -13.00
N GLY A 416 -24.27 10.31 -13.69
CA GLY A 416 -24.79 9.43 -14.73
C GLY A 416 -23.86 9.40 -15.93
N TRP A 417 -23.26 10.55 -16.27
CA TRP A 417 -22.31 10.64 -17.39
C TRP A 417 -21.09 9.74 -17.16
N TYR A 418 -20.50 9.82 -15.98
CA TYR A 418 -19.30 9.01 -15.67
C TYR A 418 -19.65 7.53 -15.69
N LEU A 419 -20.83 7.19 -15.19
CA LEU A 419 -21.26 5.80 -15.19
C LEU A 419 -21.33 5.29 -16.64
N ASP A 420 -22.12 5.97 -17.48
CA ASP A 420 -22.40 5.46 -18.83
C ASP A 420 -21.16 5.49 -19.72
N ASN A 421 -20.21 6.40 -19.46
CA ASN A 421 -19.03 6.57 -20.31
C ASN A 421 -17.74 6.18 -19.56
N TYR A 422 -17.85 5.33 -18.55
CA TYR A 422 -16.71 5.08 -17.67
C TYR A 422 -15.46 4.70 -18.47
N LYS A 423 -15.63 3.79 -19.44
CA LYS A 423 -14.50 3.18 -20.13
C LYS A 423 -13.68 4.22 -20.91
N THR A 424 -14.28 5.36 -21.25
CA THR A 424 -13.63 6.34 -22.12
C THR A 424 -13.18 7.60 -21.36
N LEU A 425 -13.39 7.66 -20.04
CA LEU A 425 -13.16 8.89 -19.28
C LEU A 425 -11.69 9.29 -19.37
N ASP A 426 -11.44 10.59 -19.41
CA ASP A 426 -10.08 11.12 -19.26
C ASP A 426 -9.61 10.93 -17.82
N LEU A 427 -8.29 11.05 -17.64
CA LEU A 427 -7.62 10.74 -16.38
C LEU A 427 -8.24 11.50 -15.20
N LYS A 428 -8.52 12.80 -15.38
CA LYS A 428 -9.04 13.66 -14.32
C LYS A 428 -10.39 13.12 -13.81
N LYS A 429 -11.25 12.68 -14.73
CA LYS A 429 -12.59 12.21 -14.39
C LYS A 429 -12.49 10.86 -13.70
N HIS A 430 -11.66 9.96 -14.25
CA HIS A 430 -11.35 8.69 -13.56
CA HIS A 430 -11.32 8.71 -13.59
C HIS A 430 -10.92 9.00 -12.13
N THR A 431 -9.99 9.95 -11.95
CA THR A 431 -9.44 10.33 -10.64
C THR A 431 -10.57 10.76 -9.68
N LYS A 432 -11.53 11.57 -10.16
CA LYS A 432 -12.66 12.08 -9.35
C LYS A 432 -13.65 10.99 -8.92
N THR A 433 -13.59 9.82 -9.55
CA THR A 433 -14.51 8.70 -9.27
C THR A 433 -13.86 7.59 -8.42
N ASN A 434 -12.61 7.81 -7.99
CA ASN A 434 -11.89 6.85 -7.16
C ASN A 434 -11.88 7.35 -5.71
N TRP A 435 -12.23 6.45 -4.80
CA TRP A 435 -12.41 6.73 -3.40
C TRP A 435 -11.49 5.81 -2.58
N TYR A 436 -10.88 6.40 -1.54
CA TYR A 436 -10.07 5.70 -0.57
C TYR A 436 -10.72 5.74 0.81
N PHE A 437 -10.48 4.68 1.57
CA PHE A 437 -10.77 4.63 2.99
C PHE A 437 -9.47 4.46 3.77
N VAL A 438 -9.21 5.36 4.74
CA VAL A 438 -7.98 5.42 5.53
C VAL A 438 -8.33 5.24 7.01
N SER A 439 -7.55 4.41 7.70
CA SER A 439 -7.56 4.20 9.14
C SER A 439 -6.23 4.72 9.70
N GLU A 440 -6.24 5.24 10.93
CA GLU A 440 -5.03 5.69 11.61
C GLU A 440 -4.07 4.51 11.77
N ASP A 441 -2.78 4.75 11.54
CA ASP A 441 -1.73 3.75 11.67
C ASP A 441 -0.48 4.44 12.23
N GLU A 442 0.22 3.71 13.08
CA GLU A 442 1.44 4.20 13.74
C GLU A 442 2.46 4.68 12.71
N GLY A 443 2.44 4.10 11.50
CA GLY A 443 3.43 4.43 10.47
C GLY A 443 3.10 5.69 9.67
N TRP A 444 2.03 6.38 10.02
CA TRP A 444 1.70 7.67 9.43
C TRP A 444 1.28 8.63 10.56
N LYS A 445 2.20 9.54 10.90
CA LYS A 445 2.05 10.50 11.98
C LYS A 445 1.86 11.88 11.37
N GLU A 446 0.97 12.66 11.95
CA GLU A 446 0.77 14.04 11.52
C GLU A 446 0.23 14.88 12.67
#